data_3CZ8
#
_entry.id   3CZ8
#
_cell.length_a   84.965
_cell.length_b   84.965
_cell.length_c   188.041
_cell.angle_alpha   90.00
_cell.angle_beta   90.00
_cell.angle_gamma   120.00
#
_symmetry.space_group_name_H-M   'P 65'
#
loop_
_entity.id
_entity.type
_entity.pdbx_description
1 polymer 'Putative sporulation-specific glycosylase ydhD'
2 non-polymer GLYCEROL
3 water water
#
_entity_poly.entity_id   1
_entity_poly.type   'polypeptide(L)'
_entity_poly.pdbx_seq_one_letter_code
;MSLSNYIAGTLSFYVLRNPDLDRELINDYAPYSSSISIFEYHIAPNGDIANQLNDAAAIETTWQRRVTPLATITNLTSGG
FSTEIVHQVLNNPTARTNLVNNIYDLVSTRGYGGVTIDFEQVSAADRDLFTGFLRQLRDRLQAGGYVLTIAVPAKTSDNI
PWLRGYDYGGIGAVVNYMFIMAYDWHHAGSEPGPVAPITEIRRTIEFTIAQVPSRKIIIGVPLYGYDWIIPYQPGTVASA
ISNQNAIERAMRYQAPIQYSAEYQSPFFRYSDQQGRTHEVWFEGVRSMSRKMQIVREYRLQAIGAWQLTLAEGHHHHHH
;
_entity_poly.pdbx_strand_id   A,B
#
loop_
_chem_comp.id
_chem_comp.type
_chem_comp.name
_chem_comp.formula
GOL non-polymer GLYCEROL 'C3 H8 O3'
#
# COMPACT_ATOMS: atom_id res chain seq x y z
N SER A 4 -15.16 5.74 -12.00
CA SER A 4 -14.99 6.18 -10.59
C SER A 4 -14.76 5.00 -9.63
N ASN A 5 -14.04 5.28 -8.55
CA ASN A 5 -13.63 4.28 -7.57
C ASN A 5 -13.35 5.00 -6.25
N TYR A 6 -14.10 4.68 -5.19
CA TYR A 6 -13.75 5.20 -3.87
C TYR A 6 -12.99 4.22 -2.98
N ILE A 7 -12.29 3.28 -3.61
CA ILE A 7 -11.14 2.63 -3.00
C ILE A 7 -9.92 2.91 -3.88
N ALA A 8 -9.27 4.02 -3.57
CA ALA A 8 -8.05 4.44 -4.24
C ALA A 8 -7.02 4.84 -3.20
N GLY A 9 -5.84 4.24 -3.28
CA GLY A 9 -4.77 4.51 -2.33
C GLY A 9 -4.03 5.80 -2.66
N THR A 10 -3.96 6.70 -1.68
CA THR A 10 -3.13 7.90 -1.78
C THR A 10 -1.72 7.58 -1.31
N LEU A 11 -0.75 7.73 -2.22
CA LEU A 11 0.64 7.53 -1.87
C LEU A 11 1.24 8.81 -1.28
N SER A 12 1.99 8.65 -0.19
CA SER A 12 2.75 9.75 0.35
C SER A 12 4.10 9.28 0.91
N PHE A 13 5.09 10.16 0.82
CA PHE A 13 6.43 9.92 1.34
C PHE A 13 6.62 10.66 2.66
N TYR A 14 7.03 9.95 3.69
CA TYR A 14 7.11 10.55 5.02
C TYR A 14 8.46 10.39 5.68
N VAL A 15 8.79 11.35 6.54
CA VAL A 15 10.13 11.45 7.10
C VAL A 15 10.19 10.92 8.53
N LEU A 16 11.12 9.99 8.76
CA LEU A 16 11.36 9.37 10.07
C LEU A 16 12.70 9.84 10.59
N ARG A 17 12.68 10.89 11.41
CA ARG A 17 13.92 11.56 11.85
C ARG A 17 14.89 10.64 12.60
N ASN A 18 16.17 10.82 12.32
CA ASN A 18 17.27 10.33 13.15
C ASN A 18 16.99 10.69 14.62
N PRO A 19 16.78 9.67 15.48
CA PRO A 19 16.40 9.87 16.89
C PRO A 19 17.47 10.58 17.74
N ASP A 20 18.71 10.52 17.28
CA ASP A 20 19.83 11.20 17.93
C ASP A 20 19.80 12.74 17.83
N LEU A 21 18.91 13.27 16.98
CA LEU A 21 18.85 14.69 16.70
C LEU A 21 17.78 15.47 17.46
N ASP A 22 16.82 14.77 18.07
CA ASP A 22 15.74 15.44 18.80
C ASP A 22 15.91 15.39 20.32
N TYR A 29 4.66 24.85 19.33
CA TYR A 29 5.52 26.03 19.21
C TYR A 29 6.81 25.72 18.41
N ALA A 30 7.31 24.49 18.58
CA ALA A 30 8.61 24.07 18.04
C ALA A 30 8.56 23.85 16.53
N PRO A 31 9.69 24.09 15.82
CA PRO A 31 9.78 23.79 14.38
C PRO A 31 9.55 22.31 14.10
N TYR A 32 8.77 22.02 13.05
CA TYR A 32 8.32 20.65 12.78
C TYR A 32 9.46 19.72 12.39
N SER A 33 9.35 18.46 12.84
CA SER A 33 10.41 17.48 12.74
C SER A 33 10.13 16.40 11.67
N SER A 34 8.97 16.48 11.04
CA SER A 34 8.60 15.50 10.03
C SER A 34 7.81 16.14 8.89
N SER A 35 7.63 15.40 7.81
CA SER A 35 6.85 15.88 6.68
C SER A 35 6.14 14.73 5.98
N ILE A 36 5.11 15.08 5.21
CA ILE A 36 4.41 14.14 4.35
C ILE A 36 4.35 14.78 2.97
N SER A 37 4.90 14.10 1.97
CA SER A 37 4.83 14.59 0.59
C SER A 37 3.71 13.85 -0.13
N ILE A 38 2.64 14.56 -0.42
CA ILE A 38 1.49 14.00 -1.06
C ILE A 38 1.62 13.89 -2.55
N PHE A 39 1.43 12.70 -3.10
CA PHE A 39 1.55 12.46 -4.52
C PHE A 39 0.27 12.78 -5.25
N GLU A 40 0.31 13.10 -6.52
CA GLU A 40 1.20 14.06 -7.13
C GLU A 40 0.41 15.16 -7.82
N TYR A 41 1.05 16.28 -8.10
CA TYR A 41 0.66 17.17 -9.18
C TYR A 41 1.61 17.06 -10.34
N HIS A 42 1.10 17.06 -11.55
CA HIS A 42 1.97 16.96 -12.68
C HIS A 42 1.96 18.18 -13.59
N ILE A 43 3.00 18.30 -14.40
CA ILE A 43 3.26 19.52 -15.15
C ILE A 43 2.94 19.39 -16.64
N ALA A 44 2.64 20.52 -17.27
CA ALA A 44 2.44 20.61 -18.71
C ALA A 44 3.73 21.20 -19.33
N PRO A 45 3.96 20.99 -20.65
CA PRO A 45 5.15 21.55 -21.32
C PRO A 45 5.33 23.07 -21.23
N ASN A 46 4.24 23.80 -21.02
CA ASN A 46 4.31 25.25 -20.87
C ASN A 46 4.53 25.70 -19.43
N GLY A 47 4.62 24.71 -18.52
CA GLY A 47 4.92 24.97 -17.12
C GLY A 47 3.69 25.06 -16.23
N ASP A 48 2.51 24.86 -16.81
CA ASP A 48 1.27 24.85 -16.02
C ASP A 48 1.18 23.59 -15.17
N ILE A 49 0.42 23.66 -14.09
CA ILE A 49 0.09 22.49 -13.30
C ILE A 49 -1.20 21.91 -13.87
N ALA A 50 -1.06 20.75 -14.53
CA ALA A 50 -2.11 20.18 -15.39
C ALA A 50 -3.35 19.67 -14.64
N ASN A 51 -3.15 19.22 -13.42
CA ASN A 51 -4.24 18.63 -12.63
C ASN A 51 -4.46 19.35 -11.30
N GLN A 52 -5.50 18.90 -10.60
CA GLN A 52 -5.74 19.30 -9.21
C GLN A 52 -6.04 18.07 -8.39
N LEU A 53 -5.98 18.20 -7.07
CA LEU A 53 -6.22 17.06 -6.18
C LEU A 53 -7.30 17.35 -5.17
N ASN A 54 -7.90 16.28 -4.65
CA ASN A 54 -8.75 16.36 -3.48
C ASN A 54 -7.88 16.27 -2.24
N ASP A 55 -7.13 17.34 -1.98
CA ASP A 55 -6.08 17.33 -0.96
C ASP A 55 -6.40 18.14 0.29
N ALA A 56 -7.46 18.95 0.21
CA ALA A 56 -7.86 19.86 1.28
C ALA A 56 -8.01 19.20 2.65
N ALA A 57 -8.61 18.01 2.67
CA ALA A 57 -8.76 17.24 3.90
C ALA A 57 -7.43 16.73 4.42
N ALA A 58 -6.59 16.26 3.50
CA ALA A 58 -5.26 15.70 3.83
C ALA A 58 -4.28 16.75 4.35
N ILE A 59 -4.32 17.95 3.76
CA ILE A 59 -3.49 19.08 4.19
C ILE A 59 -3.84 19.50 5.62
N GLU A 60 -5.13 19.67 5.88
CA GLU A 60 -5.66 20.09 7.19
C GLU A 60 -5.33 19.08 8.30
N THR A 61 -5.46 17.80 7.98
CA THR A 61 -5.17 16.71 8.92
C THR A 61 -3.67 16.66 9.27
N THR A 62 -2.82 16.83 8.26
CA THR A 62 -1.36 16.82 8.44
C THR A 62 -0.89 17.95 9.36
N TRP A 63 -1.37 19.16 9.09
CA TRP A 63 -1.06 20.33 9.94
C TRP A 63 -1.42 20.13 11.40
N GLN A 64 -2.63 19.61 11.63
CA GLN A 64 -3.15 19.33 12.98
C GLN A 64 -2.33 18.29 13.75
N ARG A 65 -1.61 17.44 13.01
CA ARG A 65 -0.75 16.42 13.61
C ARG A 65 0.67 16.91 13.89
N ARG A 66 0.92 18.19 13.60
CA ARG A 66 2.23 18.86 13.77
C ARG A 66 3.33 18.28 12.88
N VAL A 67 2.96 18.06 11.62
CA VAL A 67 3.82 17.50 10.58
C VAL A 67 3.61 18.40 9.37
N THR A 68 4.65 18.64 8.58
CA THR A 68 4.53 19.54 7.41
C THR A 68 3.96 18.83 6.17
N PRO A 69 2.82 19.29 5.64
CA PRO A 69 2.38 18.75 4.35
C PRO A 69 3.10 19.38 3.17
N LEU A 70 3.71 18.54 2.34
CA LEU A 70 4.39 18.99 1.14
C LEU A 70 3.66 18.52 -0.10
N ALA A 71 3.59 19.39 -1.10
CA ALA A 71 3.03 19.04 -2.40
C ALA A 71 4.09 18.40 -3.28
N THR A 72 3.80 17.21 -3.81
CA THR A 72 4.73 16.59 -4.73
C THR A 72 4.44 17.03 -6.17
N ILE A 73 5.47 17.55 -6.82
CA ILE A 73 5.38 18.02 -8.19
C ILE A 73 6.20 17.09 -9.07
N THR A 74 5.55 16.49 -10.06
CA THR A 74 6.18 15.48 -10.91
C THR A 74 6.04 15.80 -12.39
N ASN A 75 6.80 15.08 -13.22
CA ASN A 75 6.63 15.07 -14.67
C ASN A 75 5.96 13.78 -15.17
N LEU A 76 4.92 13.36 -14.47
CA LEU A 76 4.21 12.14 -14.81
C LEU A 76 3.22 12.35 -15.94
N THR A 77 3.12 11.34 -16.81
CA THR A 77 2.06 11.23 -17.83
C THR A 77 1.35 9.91 -17.64
N SER A 78 0.51 9.53 -18.60
CA SER A 78 -0.22 8.26 -18.55
C SER A 78 0.69 7.04 -18.65
N GLY A 79 1.75 7.16 -19.44
CA GLY A 79 2.75 6.10 -19.58
C GLY A 79 3.97 6.26 -18.69
N GLY A 80 3.85 7.09 -17.65
CA GLY A 80 4.94 7.28 -16.68
C GLY A 80 5.62 8.64 -16.72
N PHE A 81 6.88 8.67 -16.31
CA PHE A 81 7.64 9.91 -16.25
C PHE A 81 8.06 10.33 -17.65
N SER A 82 7.75 11.57 -17.99
CA SER A 82 8.01 12.09 -19.32
C SER A 82 9.34 12.84 -19.36
N THR A 83 10.31 12.24 -20.04
CA THR A 83 11.64 12.79 -20.29
CA THR A 83 11.62 12.84 -20.21
C THR A 83 11.55 14.08 -21.11
N GLU A 84 10.53 14.16 -21.96
CA GLU A 84 10.34 15.29 -22.88
C GLU A 84 9.63 16.49 -22.28
N ILE A 85 8.57 16.26 -21.50
CA ILE A 85 7.78 17.33 -20.87
C ILE A 85 8.63 18.23 -19.96
N VAL A 86 9.46 17.60 -19.13
CA VAL A 86 10.40 18.32 -18.25
C VAL A 86 11.48 19.06 -19.06
N HIS A 87 11.91 18.48 -20.18
CA HIS A 87 12.89 19.09 -21.09
C HIS A 87 12.36 20.39 -21.73
N GLN A 88 11.09 20.37 -22.13
CA GLN A 88 10.43 21.53 -22.73
C GLN A 88 10.26 22.67 -21.73
N VAL A 89 10.11 22.31 -20.45
CA VAL A 89 10.01 23.29 -19.37
C VAL A 89 11.38 23.90 -19.05
N LEU A 90 12.39 23.04 -18.88
CA LEU A 90 13.73 23.47 -18.49
C LEU A 90 14.46 24.30 -19.56
N ASN A 91 14.00 24.22 -20.80
CA ASN A 91 14.64 24.93 -21.91
C ASN A 91 13.86 26.17 -22.40
N ASN A 92 12.64 26.34 -21.90
CA ASN A 92 11.87 27.55 -22.12
C ASN A 92 11.84 28.38 -20.84
N PRO A 93 12.59 29.49 -20.79
CA PRO A 93 12.69 30.38 -19.61
C PRO A 93 11.33 30.92 -19.15
N THR A 94 10.43 31.18 -20.09
CA THR A 94 9.07 31.58 -19.80
C THR A 94 8.33 30.46 -19.05
N ALA A 95 8.51 29.22 -19.50
CA ALA A 95 7.82 28.06 -18.93
C ALA A 95 8.27 27.70 -17.51
N ARG A 96 9.58 27.78 -17.26
CA ARG A 96 10.07 27.48 -15.92
C ARG A 96 9.80 28.60 -14.91
N THR A 97 9.68 29.84 -15.40
CA THR A 97 9.18 30.96 -14.60
C THR A 97 7.70 30.76 -14.29
N ASN A 98 6.94 30.35 -15.32
CA ASN A 98 5.53 30.02 -15.17
C ASN A 98 5.33 28.90 -14.15
N LEU A 99 6.17 27.87 -14.21
CA LEU A 99 6.14 26.75 -13.26
C LEU A 99 6.47 27.19 -11.83
N VAL A 100 7.51 28.02 -11.69
CA VAL A 100 7.91 28.58 -10.39
C VAL A 100 6.75 29.37 -9.74
N ASN A 101 6.10 30.22 -10.53
CA ASN A 101 4.95 30.99 -10.05
C ASN A 101 3.74 30.13 -9.72
N ASN A 102 3.46 29.15 -10.57
CA ASN A 102 2.35 28.20 -10.35
C ASN A 102 2.52 27.34 -9.11
N ILE A 103 3.76 26.90 -8.85
CA ILE A 103 4.09 26.12 -7.65
C ILE A 103 3.88 26.96 -6.39
N TYR A 104 4.28 28.23 -6.45
CA TYR A 104 4.01 29.17 -5.36
C TYR A 104 2.51 29.36 -5.17
N ASP A 105 1.79 29.56 -6.26
CA ASP A 105 0.33 29.73 -6.22
C ASP A 105 -0.36 28.49 -5.67
N LEU A 106 0.20 27.32 -5.97
CA LEU A 106 -0.30 26.06 -5.44
C LEU A 106 -0.15 25.96 -3.91
N VAL A 107 1.04 26.24 -3.40
CA VAL A 107 1.30 26.09 -1.95
C VAL A 107 0.64 27.17 -1.09
N SER A 108 0.46 28.37 -1.65
CA SER A 108 -0.17 29.46 -0.94
CA SER A 108 -0.18 29.47 -0.94
C SER A 108 -1.69 29.32 -0.88
N THR A 109 -2.30 28.99 -2.01
CA THR A 109 -3.76 28.78 -2.10
C THR A 109 -4.19 27.56 -1.29
N ARG A 110 -3.56 26.42 -1.55
CA ARG A 110 -3.95 25.15 -0.94
C ARG A 110 -3.46 24.98 0.49
N GLY A 111 -2.45 25.75 0.89
CA GLY A 111 -1.98 25.74 2.27
C GLY A 111 -0.93 24.69 2.62
N TYR A 112 -0.12 24.32 1.63
CA TYR A 112 1.01 23.42 1.87
C TYR A 112 2.13 24.15 2.59
N GLY A 113 2.96 23.41 3.31
CA GLY A 113 4.14 23.99 3.96
C GLY A 113 5.39 24.00 3.09
N GLY A 114 5.26 23.54 1.85
CA GLY A 114 6.40 23.44 0.94
C GLY A 114 6.16 22.44 -0.17
N VAL A 115 7.22 22.08 -0.88
N VAL A 115 7.24 22.03 -0.84
CA VAL A 115 7.11 21.10 -1.96
CA VAL A 115 7.17 21.21 -2.05
C VAL A 115 8.15 19.98 -1.91
C VAL A 115 8.24 20.11 -2.13
N THR A 116 7.88 18.96 -2.71
CA THR A 116 8.84 17.92 -3.04
C THR A 116 8.86 17.83 -4.55
N ILE A 117 9.99 18.23 -5.14
CA ILE A 117 10.14 18.08 -6.58
C ILE A 117 10.52 16.63 -6.84
N ASP A 118 9.68 15.95 -7.62
CA ASP A 118 9.94 14.58 -8.02
C ASP A 118 9.98 14.55 -9.55
N PHE A 119 11.04 15.12 -10.10
CA PHE A 119 11.24 15.07 -11.54
C PHE A 119 12.17 13.90 -11.83
N GLU A 120 11.66 12.94 -12.57
CA GLU A 120 12.45 11.78 -12.94
C GLU A 120 12.71 11.76 -14.44
N GLN A 121 13.76 11.02 -14.81
CA GLN A 121 14.29 10.94 -16.18
C GLN A 121 14.64 12.33 -16.71
N VAL A 122 15.26 13.15 -15.86
CA VAL A 122 15.80 14.43 -16.29
C VAL A 122 17.01 14.12 -17.15
N SER A 123 16.98 14.59 -18.40
CA SER A 123 18.09 14.35 -19.33
C SER A 123 19.39 15.00 -18.85
N ALA A 124 20.51 14.39 -19.22
CA ALA A 124 21.84 14.82 -18.78
C ALA A 124 22.26 16.19 -19.30
N ALA A 125 21.69 16.60 -20.43
CA ALA A 125 21.96 17.91 -21.02
C ALA A 125 21.31 19.04 -20.22
N ASP A 126 20.26 18.69 -19.48
CA ASP A 126 19.46 19.63 -18.71
C ASP A 126 19.90 19.73 -17.25
N ARG A 127 21.15 19.36 -16.97
CA ARG A 127 21.61 19.25 -15.60
CA ARG A 127 21.68 19.25 -15.60
C ARG A 127 21.80 20.60 -14.89
N ASP A 128 22.39 21.56 -15.58
CA ASP A 128 22.59 22.90 -15.05
C ASP A 128 21.30 23.71 -15.12
N LEU A 129 20.45 23.38 -16.09
CA LEU A 129 19.14 24.02 -16.23
C LEU A 129 18.18 23.59 -15.12
N PHE A 130 18.31 22.34 -14.68
CA PHE A 130 17.53 21.80 -13.56
C PHE A 130 17.94 22.48 -12.25
N THR A 131 19.25 22.60 -12.03
CA THR A 131 19.79 23.31 -10.87
C THR A 131 19.33 24.77 -10.84
N GLY A 132 19.38 25.43 -12.00
CA GLY A 132 18.92 26.81 -12.15
C GLY A 132 17.45 26.99 -11.86
N PHE A 133 16.63 26.06 -12.35
CA PHE A 133 15.20 26.05 -12.05
C PHE A 133 14.94 25.94 -10.55
N LEU A 134 15.71 25.07 -9.89
CA LEU A 134 15.58 24.83 -8.46
C LEU A 134 16.06 26.01 -7.62
N ARG A 135 17.07 26.73 -8.13
CA ARG A 135 17.49 28.00 -7.54
C ARG A 135 16.40 29.06 -7.65
N GLN A 136 15.75 29.12 -8.81
CA GLN A 136 14.68 30.08 -9.03
C GLN A 136 13.47 29.75 -8.15
N LEU A 137 13.26 28.45 -7.94
CA LEU A 137 12.21 27.96 -7.06
C LEU A 137 12.54 28.18 -5.58
N ARG A 138 13.75 27.92 -5.15
CA ARG A 138 14.15 28.29 -3.83
C ARG A 138 13.90 29.75 -3.46
N ASP A 139 14.30 30.66 -4.33
CA ASP A 139 14.16 32.07 -4.08
C ASP A 139 12.73 32.44 -3.83
N ARG A 140 11.86 31.97 -4.69
CA ARG A 140 10.44 32.22 -4.58
C ARG A 140 9.80 31.63 -3.36
N LEU A 141 10.17 30.43 -3.03
CA LEU A 141 9.54 29.70 -1.94
C LEU A 141 10.00 30.13 -0.56
N GLN A 142 11.30 30.38 -0.40
CA GLN A 142 11.83 30.77 0.90
C GLN A 142 11.41 32.18 1.33
N ALA A 143 11.11 33.02 0.34
CA ALA A 143 10.53 34.34 0.55
C ALA A 143 9.17 34.24 1.24
N GLY A 144 8.39 33.23 0.84
CA GLY A 144 7.11 32.96 1.46
C GLY A 144 7.20 32.01 2.65
N GLY A 145 8.42 31.64 3.03
CA GLY A 145 8.64 30.72 4.14
C GLY A 145 8.41 29.24 3.85
N TYR A 146 8.19 28.89 2.58
CA TYR A 146 7.97 27.50 2.17
C TYR A 146 9.26 26.72 1.94
N VAL A 147 9.25 25.46 2.39
CA VAL A 147 10.40 24.55 2.33
C VAL A 147 10.56 23.96 0.91
N LEU A 148 11.80 23.78 0.47
CA LEU A 148 12.07 23.12 -0.81
C LEU A 148 12.79 21.80 -0.59
N THR A 149 12.13 20.71 -1.01
CA THR A 149 12.73 19.38 -0.93
C THR A 149 12.67 18.74 -2.31
N ILE A 150 13.49 17.72 -2.53
CA ILE A 150 13.61 17.07 -3.82
C ILE A 150 13.85 15.57 -3.67
N ALA A 151 13.19 14.78 -4.53
CA ALA A 151 13.45 13.35 -4.61
C ALA A 151 14.42 13.14 -5.77
N VAL A 152 15.59 12.58 -5.46
CA VAL A 152 16.61 12.26 -6.46
C VAL A 152 16.94 10.76 -6.44
N PRO A 153 17.37 10.19 -7.59
CA PRO A 153 17.84 8.81 -7.55
C PRO A 153 19.22 8.73 -6.88
N ALA A 154 19.52 7.58 -6.29
CA ALA A 154 20.81 7.36 -5.64
C ALA A 154 21.95 7.39 -6.65
N LYS A 155 23.01 8.13 -6.30
CA LYS A 155 24.18 8.27 -7.15
C LYS A 155 25.43 7.88 -6.37
N THR A 156 26.33 7.19 -7.05
CA THR A 156 27.61 6.77 -6.47
CA THR A 156 27.60 6.74 -6.48
C THR A 156 28.78 7.46 -7.17
N SER A 157 28.53 7.98 -8.37
CA SER A 157 29.52 8.75 -9.13
C SER A 157 28.78 9.63 -10.13
N ASP A 158 29.52 10.36 -10.96
CA ASP A 158 28.89 11.19 -11.98
C ASP A 158 29.06 10.62 -13.40
N ASN A 159 29.33 9.32 -13.46
CA ASN A 159 29.70 8.66 -14.72
C ASN A 159 28.52 7.99 -15.43
N ILE A 160 27.36 8.04 -14.78
CA ILE A 160 26.19 7.34 -15.29
C ILE A 160 25.28 8.35 -16.03
N PRO A 161 24.93 8.05 -17.30
CA PRO A 161 24.22 8.98 -18.17
C PRO A 161 22.81 9.39 -17.71
N TRP A 162 21.99 8.41 -17.33
CA TRP A 162 20.64 8.67 -16.84
C TRP A 162 20.57 9.23 -15.40
N LEU A 163 21.74 9.44 -14.79
CA LEU A 163 21.84 10.04 -13.46
C LEU A 163 22.55 11.39 -13.53
N ARG A 164 23.02 11.74 -14.72
CA ARG A 164 23.90 12.89 -14.90
C ARG A 164 23.14 14.21 -14.79
N GLY A 165 21.82 14.18 -15.02
CA GLY A 165 20.94 15.33 -14.84
C GLY A 165 20.77 15.82 -13.40
N TYR A 166 21.29 15.04 -12.45
CA TYR A 166 21.17 15.35 -11.02
C TYR A 166 22.50 15.71 -10.41
N ASP A 167 22.79 17.01 -10.42
CA ASP A 167 23.99 17.54 -9.81
C ASP A 167 23.78 17.63 -8.30
N TYR A 168 24.36 16.71 -7.54
CA TYR A 168 24.18 16.65 -6.07
C TYR A 168 24.66 17.90 -5.35
N GLY A 169 25.81 18.44 -5.77
CA GLY A 169 26.41 19.60 -5.14
C GLY A 169 25.64 20.87 -5.43
N GLY A 170 25.17 20.98 -6.68
CA GLY A 170 24.36 22.11 -7.10
C GLY A 170 22.94 22.10 -6.56
N ILE A 171 22.35 20.91 -6.48
CA ILE A 171 21.01 20.72 -5.91
C ILE A 171 21.06 20.91 -4.39
N GLY A 172 22.02 20.25 -3.75
CA GLY A 172 22.22 20.37 -2.30
C GLY A 172 22.43 21.79 -1.79
N ALA A 173 22.95 22.65 -2.67
CA ALA A 173 23.17 24.06 -2.34
C ALA A 173 21.88 24.88 -2.36
N VAL A 174 20.91 24.48 -3.18
CA VAL A 174 19.68 25.26 -3.36
C VAL A 174 18.43 24.71 -2.66
N VAL A 175 18.41 23.41 -2.34
CA VAL A 175 17.24 22.85 -1.66
C VAL A 175 17.45 22.84 -0.15
N ASN A 176 16.36 22.78 0.60
CA ASN A 176 16.43 22.67 2.04
C ASN A 176 16.79 21.23 2.41
N TYR A 177 16.16 20.27 1.73
CA TYR A 177 16.37 18.85 2.00
C TYR A 177 16.42 18.00 0.74
N MET A 178 17.24 16.95 0.77
CA MET A 178 17.39 16.06 -0.36
C MET A 178 16.94 14.67 0.05
N PHE A 179 15.90 14.17 -0.62
CA PHE A 179 15.42 12.82 -0.37
C PHE A 179 16.11 11.91 -1.39
N ILE A 180 17.03 11.09 -0.93
CA ILE A 180 17.76 10.21 -1.82
C ILE A 180 17.04 8.89 -1.91
N MET A 181 16.60 8.54 -3.11
CA MET A 181 15.82 7.33 -3.30
C MET A 181 16.75 6.14 -3.49
N ALA A 182 17.27 5.65 -2.37
CA ALA A 182 18.34 4.65 -2.36
C ALA A 182 17.78 3.22 -2.43
N TYR A 183 17.28 2.87 -3.61
CA TYR A 183 16.73 1.54 -3.90
C TYR A 183 16.66 1.33 -5.40
N ASP A 184 16.21 0.14 -5.80
CA ASP A 184 16.08 -0.27 -7.21
C ASP A 184 17.42 -0.43 -7.93
N TRP A 185 18.46 -0.80 -7.18
CA TRP A 185 19.72 -1.28 -7.76
C TRP A 185 19.47 -2.57 -8.54
N HIS A 186 18.51 -3.35 -8.08
CA HIS A 186 17.89 -4.38 -8.87
C HIS A 186 16.39 -4.15 -8.82
N HIS A 187 15.73 -4.42 -9.95
CA HIS A 187 14.32 -4.08 -10.12
C HIS A 187 13.65 -5.03 -11.12
N ALA A 188 12.43 -4.68 -11.55
CA ALA A 188 11.59 -5.52 -12.41
C ALA A 188 12.18 -5.77 -13.81
N GLY A 189 12.96 -4.81 -14.29
CA GLY A 189 13.60 -4.92 -15.60
C GLY A 189 15.07 -5.30 -15.53
N SER A 190 15.47 -5.94 -14.43
CA SER A 190 16.85 -6.38 -14.27
C SER A 190 16.98 -7.84 -13.81
N GLU A 191 18.23 -8.30 -13.70
CA GLU A 191 18.61 -9.57 -13.08
C GLU A 191 18.31 -9.50 -11.58
N PRO A 192 17.88 -10.64 -10.97
CA PRO A 192 17.68 -10.73 -9.52
C PRO A 192 18.87 -10.31 -8.65
N GLY A 193 18.55 -9.61 -7.56
CA GLY A 193 19.54 -9.17 -6.58
C GLY A 193 18.92 -8.19 -5.59
N PRO A 194 19.69 -7.78 -4.57
CA PRO A 194 19.19 -6.91 -3.49
C PRO A 194 18.72 -5.55 -4.00
N VAL A 195 17.55 -5.14 -3.55
CA VAL A 195 16.94 -3.88 -3.97
CA VAL A 195 16.96 -3.87 -4.00
C VAL A 195 17.74 -2.66 -3.47
N ALA A 196 18.20 -2.75 -2.23
CA ALA A 196 18.97 -1.68 -1.61
C ALA A 196 20.12 -2.25 -0.79
N PRO A 197 21.16 -2.77 -1.47
CA PRO A 197 22.27 -3.37 -0.74
C PRO A 197 23.00 -2.32 0.07
N ILE A 198 23.38 -2.67 1.30
CA ILE A 198 23.96 -1.73 2.26
C ILE A 198 25.34 -1.22 1.79
N THR A 199 25.98 -2.01 0.92
CA THR A 199 27.24 -1.66 0.29
C THR A 199 27.08 -0.47 -0.65
N GLU A 200 26.01 -0.47 -1.43
CA GLU A 200 25.76 0.63 -2.35
C GLU A 200 25.19 1.88 -1.67
N ILE A 201 24.48 1.67 -0.56
CA ILE A 201 23.98 2.76 0.28
C ILE A 201 25.15 3.52 0.91
N ARG A 202 26.13 2.76 1.41
CA ARG A 202 27.40 3.28 1.93
C ARG A 202 28.08 4.19 0.91
N ARG A 203 28.27 3.68 -0.30
CA ARG A 203 28.86 4.42 -1.41
C ARG A 203 28.08 5.68 -1.78
N THR A 204 26.74 5.56 -1.80
CA THR A 204 25.85 6.69 -2.09
C THR A 204 26.02 7.79 -1.06
N ILE A 205 26.01 7.42 0.22
CA ILE A 205 26.20 8.37 1.32
C ILE A 205 27.57 9.06 1.22
N GLU A 206 28.61 8.27 0.99
CA GLU A 206 30.01 8.74 0.91
C GLU A 206 30.18 9.77 -0.21
N PHE A 207 29.53 9.52 -1.34
CA PHE A 207 29.50 10.44 -2.47
C PHE A 207 28.70 11.71 -2.15
N THR A 208 27.63 11.57 -1.37
CA THR A 208 26.75 12.70 -1.04
C THR A 208 27.28 13.63 0.06
N ILE A 209 27.89 13.06 1.10
CA ILE A 209 28.41 13.85 2.23
C ILE A 209 29.68 14.66 1.88
N ALA A 210 30.23 14.39 0.70
CA ALA A 210 31.34 15.17 0.15
C ALA A 210 30.81 16.36 -0.65
N GLN A 211 29.50 16.46 -0.78
CA GLN A 211 28.87 17.45 -1.65
C GLN A 211 27.74 18.24 -1.01
N VAL A 212 27.09 17.65 0.00
CA VAL A 212 25.89 18.25 0.64
C VAL A 212 26.07 18.19 2.17
N PRO A 213 25.65 19.26 2.90
CA PRO A 213 25.56 19.16 4.36
C PRO A 213 24.70 17.99 4.82
N SER A 214 25.20 17.24 5.80
CA SER A 214 24.60 15.98 6.24
C SER A 214 23.18 16.09 6.79
N ARG A 215 22.84 17.25 7.35
CA ARG A 215 21.50 17.47 7.91
C ARG A 215 20.42 17.71 6.85
N LYS A 216 20.84 17.83 5.58
CA LYS A 216 19.91 17.95 4.46
C LYS A 216 19.58 16.59 3.82
N ILE A 217 20.22 15.54 4.30
CA ILE A 217 20.17 14.23 3.63
CA ILE A 217 20.15 14.24 3.63
C ILE A 217 19.16 13.27 4.28
N ILE A 218 18.19 12.83 3.49
CA ILE A 218 17.23 11.83 3.92
C ILE A 218 17.40 10.60 3.02
N ILE A 219 17.65 9.44 3.63
CA ILE A 219 17.76 8.19 2.87
C ILE A 219 16.38 7.50 2.74
N GLY A 220 15.83 7.53 1.53
CA GLY A 220 14.57 6.85 1.24
C GLY A 220 14.75 5.35 1.16
N VAL A 221 13.82 4.60 1.76
CA VAL A 221 13.85 3.13 1.75
C VAL A 221 12.93 2.56 0.64
N PRO A 222 13.17 1.31 0.18
CA PRO A 222 12.38 0.72 -0.91
C PRO A 222 10.87 0.68 -0.65
N LEU A 223 10.11 0.95 -1.70
CA LEU A 223 8.67 0.74 -1.68
C LEU A 223 8.36 -0.73 -2.04
N TYR A 224 9.10 -1.28 -3.00
CA TYR A 224 8.86 -2.61 -3.58
CA TYR A 224 8.82 -2.64 -3.43
C TYR A 224 10.01 -3.60 -3.36
N GLY A 225 9.67 -4.87 -3.13
CA GLY A 225 10.61 -5.98 -3.27
C GLY A 225 10.28 -6.60 -4.61
N TYR A 226 11.03 -7.59 -5.06
CA TYR A 226 10.74 -8.20 -6.36
C TYR A 226 10.81 -9.72 -6.37
N ASP A 227 9.97 -10.32 -7.22
CA ASP A 227 9.91 -11.76 -7.41
C ASP A 227 10.29 -12.07 -8.85
N TRP A 228 11.49 -12.61 -9.04
CA TRP A 228 12.03 -12.93 -10.37
C TRP A 228 11.98 -14.44 -10.64
N ILE A 229 11.65 -14.83 -11.86
CA ILE A 229 11.85 -16.22 -12.29
C ILE A 229 13.32 -16.43 -12.69
N ILE A 230 14.05 -17.26 -11.93
CA ILE A 230 15.42 -17.62 -12.30
C ILE A 230 15.44 -18.68 -13.42
N PRO A 231 16.62 -19.08 -13.89
CA PRO A 231 17.08 -18.75 -15.22
C PRO A 231 16.36 -17.53 -15.82
N TYR A 232 16.95 -16.36 -15.56
CA TYR A 232 16.42 -15.06 -15.97
C TYR A 232 16.34 -14.92 -17.49
N GLN A 233 15.19 -14.42 -17.95
CA GLN A 233 14.87 -14.31 -19.36
C GLN A 233 14.72 -12.84 -19.77
N PRO A 234 15.36 -12.44 -20.89
N PRO A 234 15.42 -12.41 -20.85
CA PRO A 234 15.17 -11.13 -21.51
CA PRO A 234 15.43 -11.04 -21.39
C PRO A 234 13.72 -10.94 -21.96
C PRO A 234 14.08 -10.34 -21.50
N GLY A 235 13.19 -9.74 -21.74
N GLY A 235 13.09 -10.99 -22.12
CA GLY A 235 11.80 -9.45 -22.09
CA GLY A 235 11.79 -10.36 -22.34
C GLY A 235 10.83 -9.59 -20.93
C GLY A 235 10.75 -10.66 -21.28
N THR A 236 11.13 -10.52 -20.01
CA THR A 236 10.25 -10.79 -18.86
C THR A 236 10.36 -9.72 -17.79
N VAL A 237 9.23 -9.43 -17.15
CA VAL A 237 9.15 -8.45 -16.07
C VAL A 237 8.91 -9.20 -14.75
N ALA A 238 9.73 -8.90 -13.75
CA ALA A 238 9.55 -9.43 -12.40
C ALA A 238 8.30 -8.85 -11.75
N SER A 239 7.78 -9.54 -10.75
CA SER A 239 6.61 -9.05 -10.02
C SER A 239 7.05 -8.12 -8.91
N ALA A 240 6.56 -6.88 -8.97
CA ALA A 240 6.80 -5.86 -7.95
C ALA A 240 5.82 -6.05 -6.80
N ILE A 241 6.36 -6.44 -5.64
CA ILE A 241 5.53 -6.80 -4.49
C ILE A 241 6.01 -6.05 -3.24
N SER A 242 5.11 -5.88 -2.27
CA SER A 242 5.46 -5.21 -1.02
C SER A 242 6.32 -6.14 -0.18
N ASN A 243 6.96 -5.58 0.85
CA ASN A 243 7.77 -6.37 1.75
C ASN A 243 6.95 -7.41 2.51
N GLN A 244 5.72 -7.05 2.88
CA GLN A 244 4.81 -8.00 3.51
C GLN A 244 4.39 -9.10 2.53
N ASN A 245 4.14 -8.73 1.27
CA ASN A 245 3.85 -9.70 0.19
C ASN A 245 4.94 -10.76 0.03
N ALA A 246 6.20 -10.35 0.13
CA ALA A 246 7.33 -11.27 0.09
C ALA A 246 7.28 -12.28 1.24
N ILE A 247 7.02 -11.80 2.44
CA ILE A 247 6.86 -12.66 3.62
C ILE A 247 5.66 -13.61 3.45
N GLU A 248 4.57 -13.09 2.89
CA GLU A 248 3.37 -13.87 2.59
C GLU A 248 3.63 -14.98 1.56
N ARG A 249 4.50 -14.72 0.59
CA ARG A 249 4.89 -15.73 -0.41
C ARG A 249 5.83 -16.77 0.17
N ALA A 250 6.70 -16.37 1.09
CA ALA A 250 7.57 -17.29 1.80
C ALA A 250 6.80 -18.30 2.67
N MET A 251 5.64 -17.87 3.20
CA MET A 251 4.77 -18.74 3.98
C MET A 251 4.06 -19.79 3.12
N ARG A 252 3.40 -19.30 2.07
CA ARG A 252 2.66 -20.13 1.11
C ARG A 252 3.51 -21.25 0.50
N TYR A 253 4.78 -20.94 0.20
CA TYR A 253 5.68 -21.90 -0.41
C TYR A 253 6.60 -22.59 0.60
N GLN A 254 6.47 -22.19 1.87
CA GLN A 254 7.28 -22.70 2.99
C GLN A 254 8.79 -22.59 2.74
N ALA A 255 9.18 -21.47 2.13
CA ALA A 255 10.56 -21.17 1.83
C ALA A 255 11.22 -20.47 3.01
N PRO A 256 12.38 -20.98 3.45
CA PRO A 256 13.13 -20.31 4.52
C PRO A 256 13.72 -18.97 4.08
N ILE A 257 13.56 -17.97 4.95
CA ILE A 257 14.05 -16.62 4.66
C ILE A 257 15.50 -16.47 5.12
N GLN A 258 16.40 -16.43 4.15
CA GLN A 258 17.82 -16.24 4.42
C GLN A 258 18.26 -14.78 4.29
N TYR A 259 19.48 -14.50 4.74
CA TYR A 259 19.97 -13.13 4.88
C TYR A 259 21.39 -13.02 4.35
N SER A 260 21.58 -12.15 3.36
CA SER A 260 22.91 -11.89 2.83
C SER A 260 23.72 -11.06 3.81
N ALA A 261 24.91 -11.54 4.15
CA ALA A 261 25.79 -10.86 5.09
C ALA A 261 26.43 -9.64 4.43
N GLU A 262 26.85 -9.81 3.18
CA GLU A 262 27.45 -8.75 2.37
C GLU A 262 26.47 -7.61 2.12
N TYR A 263 25.27 -7.96 1.68
CA TYR A 263 24.29 -6.99 1.24
C TYR A 263 23.39 -6.45 2.36
N GLN A 264 23.31 -7.18 3.46
CA GLN A 264 22.36 -6.92 4.56
C GLN A 264 20.91 -6.81 4.02
N SER A 265 20.53 -7.81 3.23
CA SER A 265 19.24 -7.85 2.55
C SER A 265 18.67 -9.27 2.64
N PRO A 266 17.38 -9.40 3.00
CA PRO A 266 16.76 -10.72 3.01
C PRO A 266 16.42 -11.21 1.63
N PHE A 267 16.48 -12.53 1.45
CA PHE A 267 16.11 -13.17 0.19
C PHE A 267 15.62 -14.59 0.43
N PHE A 268 14.88 -15.12 -0.54
CA PHE A 268 14.54 -16.55 -0.55
C PHE A 268 14.29 -17.05 -1.96
N ARG A 269 14.35 -18.37 -2.12
CA ARG A 269 13.97 -19.01 -3.37
C ARG A 269 12.87 -20.03 -3.14
N TYR A 270 12.05 -20.27 -4.17
CA TYR A 270 11.02 -21.30 -4.13
C TYR A 270 10.71 -21.82 -5.54
N SER A 271 10.05 -22.97 -5.61
CA SER A 271 9.55 -23.50 -6.88
C SER A 271 8.03 -23.45 -6.88
N ASP A 272 7.45 -22.89 -7.93
CA ASP A 272 6.00 -22.75 -8.01
C ASP A 272 5.31 -24.03 -8.50
N GLN A 273 3.98 -23.96 -8.66
CA GLN A 273 3.14 -25.09 -9.05
CA GLN A 273 3.20 -25.13 -9.04
C GLN A 273 3.32 -25.49 -10.52
N GLN A 274 4.36 -24.95 -11.16
CA GLN A 274 4.68 -25.25 -12.56
C GLN A 274 6.17 -25.59 -12.71
N GLY A 275 6.84 -25.83 -11.59
CA GLY A 275 8.26 -26.23 -11.58
C GLY A 275 9.30 -25.10 -11.66
N ARG A 276 8.86 -23.92 -12.09
CA ARG A 276 9.73 -22.75 -12.27
C ARG A 276 10.30 -22.24 -10.95
N THR A 277 11.62 -22.08 -10.91
CA THR A 277 12.28 -21.55 -9.73
C THR A 277 12.15 -20.02 -9.70
N HIS A 278 11.90 -19.49 -8.51
CA HIS A 278 11.75 -18.07 -8.29
C HIS A 278 12.80 -17.58 -7.31
N GLU A 279 13.19 -16.31 -7.43
CA GLU A 279 14.09 -15.67 -6.48
C GLU A 279 13.50 -14.34 -6.05
N VAL A 280 13.41 -14.14 -4.74
CA VAL A 280 12.77 -12.94 -4.18
C VAL A 280 13.76 -12.19 -3.29
N TRP A 281 13.92 -10.89 -3.56
CA TRP A 281 14.68 -9.97 -2.70
C TRP A 281 13.76 -8.86 -2.21
N PHE A 282 13.87 -8.52 -0.92
CA PHE A 282 12.97 -7.58 -0.29
C PHE A 282 13.65 -6.92 0.91
N GLU A 283 12.86 -6.33 1.80
CA GLU A 283 13.37 -5.71 3.02
C GLU A 283 12.60 -6.22 4.23
N GLY A 284 13.33 -6.57 5.28
CA GLY A 284 12.73 -6.98 6.55
C GLY A 284 13.09 -6.04 7.69
N VAL A 285 12.84 -6.48 8.93
CA VAL A 285 13.08 -5.68 10.12
C VAL A 285 14.57 -5.43 10.38
N ARG A 286 15.37 -6.46 10.10
CA ARG A 286 16.82 -6.39 10.31
C ARG A 286 17.51 -5.46 9.30
N SER A 287 17.10 -5.55 8.03
CA SER A 287 17.67 -4.73 6.97
CA SER A 287 17.68 -4.74 6.96
C SER A 287 17.30 -3.27 7.11
N MET A 288 16.07 -3.02 7.55
CA MET A 288 15.57 -1.67 7.78
C MET A 288 16.23 -1.05 8.99
N SER A 289 16.57 -1.88 9.98
CA SER A 289 17.35 -1.45 11.14
C SER A 289 18.73 -0.96 10.73
N ARG A 290 19.40 -1.73 9.88
CA ARG A 290 20.73 -1.40 9.35
C ARG A 290 20.76 -0.09 8.56
N LYS A 291 19.63 0.25 7.94
CA LYS A 291 19.51 1.51 7.21
C LYS A 291 19.39 2.72 8.15
N MET A 292 18.62 2.58 9.23
CA MET A 292 18.57 3.61 10.27
C MET A 292 19.93 3.72 11.00
N GLN A 293 20.63 2.59 11.11
CA GLN A 293 21.96 2.52 11.70
C GLN A 293 23.01 3.30 10.90
N ILE A 294 23.00 3.16 9.57
CA ILE A 294 23.95 3.89 8.72
C ILE A 294 23.59 5.38 8.58
N VAL A 295 22.31 5.71 8.82
CA VAL A 295 21.86 7.08 8.90
C VAL A 295 22.43 7.72 10.16
N ARG A 296 22.40 6.96 11.26
CA ARG A 296 22.91 7.42 12.55
C ARG A 296 24.45 7.49 12.56
N GLU A 297 25.08 6.51 11.92
CA GLU A 297 26.54 6.45 11.76
C GLU A 297 27.11 7.70 11.06
N TYR A 298 26.40 8.19 10.04
CA TYR A 298 26.87 9.31 9.25
C TYR A 298 26.23 10.64 9.64
N ARG A 299 25.54 10.64 10.79
CA ARG A 299 24.85 11.82 11.33
CA ARG A 299 24.85 11.82 11.33
C ARG A 299 23.90 12.49 10.31
N LEU A 300 23.20 11.66 9.54
CA LEU A 300 22.25 12.13 8.53
C LEU A 300 20.93 12.56 9.17
N GLN A 301 20.11 13.27 8.40
CA GLN A 301 18.85 13.84 8.92
C GLN A 301 17.79 12.81 9.28
N ALA A 302 17.53 11.87 8.37
CA ALA A 302 16.38 10.97 8.50
C ALA A 302 16.41 9.78 7.57
N ILE A 303 15.55 8.81 7.91
CA ILE A 303 15.11 7.76 7.00
C ILE A 303 13.77 8.27 6.41
N GLY A 304 13.56 8.05 5.12
CA GLY A 304 12.28 8.34 4.49
C GLY A 304 11.58 7.06 4.03
N ALA A 305 10.25 7.02 4.15
CA ALA A 305 9.49 5.81 3.83
C ALA A 305 8.10 6.11 3.27
N TRP A 306 7.35 5.05 2.95
CA TRP A 306 6.09 5.19 2.22
C TRP A 306 4.86 4.77 3.02
N GLN A 307 3.75 5.47 2.81
CA GLN A 307 2.48 5.09 3.39
C GLN A 307 1.35 5.23 2.35
N LEU A 308 0.35 4.36 2.48
CA LEU A 308 -0.83 4.40 1.63
C LEU A 308 -2.05 4.68 2.49
N THR A 309 -2.80 5.71 2.13
CA THR A 309 -3.99 6.08 2.89
C THR A 309 -5.24 6.03 2.02
N LEU A 310 -6.14 5.12 2.38
CA LEU A 310 -7.39 4.91 1.66
C LEU A 310 -8.45 5.91 2.11
N ALA A 311 -9.07 6.58 1.15
CA ALA A 311 -10.04 7.63 1.44
C ALA A 311 -11.33 7.47 0.63
N SER B 4 -6.59 13.12 -13.24
CA SER B 4 -6.27 14.12 -12.17
C SER B 4 -5.27 13.58 -11.15
N ASN B 5 -5.02 12.27 -11.18
CA ASN B 5 -4.01 11.63 -10.34
C ASN B 5 -3.47 10.36 -11.00
N TYR B 6 -2.20 10.40 -11.38
CA TYR B 6 -1.55 9.26 -12.04
C TYR B 6 -1.09 8.17 -11.07
N ILE B 7 -0.89 8.54 -9.80
CA ILE B 7 -0.54 7.57 -8.77
C ILE B 7 -1.76 7.28 -7.91
N ALA B 8 -2.48 6.21 -8.27
CA ALA B 8 -3.66 5.78 -7.53
C ALA B 8 -3.56 4.28 -7.26
N GLY B 9 -3.60 3.92 -5.97
CA GLY B 9 -3.41 2.54 -5.55
C GLY B 9 -4.64 1.66 -5.66
N THR B 10 -4.53 0.62 -6.49
CA THR B 10 -5.60 -0.37 -6.65
C THR B 10 -5.47 -1.46 -5.60
N LEU B 11 -6.50 -1.58 -4.76
CA LEU B 11 -6.54 -2.59 -3.73
C LEU B 11 -7.03 -3.90 -4.32
N SER B 12 -6.36 -4.98 -3.96
CA SER B 12 -6.86 -6.30 -4.30
C SER B 12 -6.59 -7.30 -3.17
N PHE B 13 -7.51 -8.25 -3.04
CA PHE B 13 -7.44 -9.30 -2.03
C PHE B 13 -7.01 -10.59 -2.72
N TYR B 14 -5.86 -11.13 -2.35
CA TYR B 14 -5.36 -12.32 -3.02
C TYR B 14 -5.22 -13.53 -2.10
N VAL B 15 -5.13 -14.72 -2.70
CA VAL B 15 -5.23 -15.99 -1.98
C VAL B 15 -3.88 -16.70 -1.88
N LEU B 16 -3.45 -16.98 -0.64
CA LEU B 16 -2.24 -17.75 -0.35
C LEU B 16 -2.64 -19.15 0.10
N ARG B 17 -2.57 -20.09 -0.82
CA ARG B 17 -2.98 -21.48 -0.60
C ARG B 17 -2.24 -22.17 0.56
N ASN B 18 -3.00 -22.91 1.36
CA ASN B 18 -2.49 -23.89 2.31
C ASN B 18 -1.55 -24.83 1.54
N PRO B 19 -0.24 -24.83 1.90
CA PRO B 19 0.75 -25.66 1.20
C PRO B 19 0.54 -27.18 1.30
N ASP B 20 -0.29 -27.63 2.25
CA ASP B 20 -0.63 -29.05 2.38
C ASP B 20 -1.51 -29.54 1.22
N LEU B 21 -2.11 -28.60 0.50
CA LEU B 21 -3.01 -28.91 -0.61
C LEU B 21 -2.27 -29.01 -1.97
N ASP B 22 -0.94 -28.94 -1.94
CA ASP B 22 -0.14 -29.01 -3.16
C ASP B 22 0.27 -30.43 -3.52
N SER B 33 -3.87 -23.45 -7.24
CA SER B 33 -4.68 -22.40 -7.85
C SER B 33 -4.91 -21.23 -6.88
N SER B 34 -4.98 -20.02 -7.44
CA SER B 34 -5.11 -18.80 -6.65
C SER B 34 -6.02 -17.78 -7.33
N SER B 35 -6.47 -16.80 -6.57
CA SER B 35 -7.30 -15.73 -7.12
C SER B 35 -6.91 -14.35 -6.61
N ILE B 36 -7.47 -13.33 -7.26
CA ILE B 36 -7.23 -11.92 -6.95
C ILE B 36 -8.56 -11.20 -7.11
N SER B 37 -9.02 -10.55 -6.06
CA SER B 37 -10.28 -9.83 -6.10
C SER B 37 -10.02 -8.34 -6.24
N ILE B 38 -10.38 -7.80 -7.37
CA ILE B 38 -10.10 -6.43 -7.68
C ILE B 38 -11.17 -5.51 -7.16
N PHE B 39 -10.79 -4.49 -6.43
CA PHE B 39 -11.74 -3.60 -5.79
C PHE B 39 -12.02 -2.39 -6.69
N GLU B 40 -13.19 -1.81 -6.61
CA GLU B 40 -14.46 -2.47 -6.52
C GLU B 40 -15.36 -1.99 -7.65
N TYR B 41 -16.50 -2.64 -7.85
CA TYR B 41 -17.70 -2.04 -8.40
C TYR B 41 -18.72 -1.88 -7.33
N HIS B 42 -19.53 -0.84 -7.38
CA HIS B 42 -20.59 -0.63 -6.36
C HIS B 42 -21.99 -0.57 -6.97
N ILE B 43 -23.00 -0.70 -6.11
CA ILE B 43 -24.37 -0.93 -6.57
C ILE B 43 -25.36 0.21 -6.30
N ALA B 44 -26.26 0.40 -7.25
CA ALA B 44 -27.37 1.34 -7.11
C ALA B 44 -28.56 0.57 -6.51
N PRO B 45 -29.52 1.27 -5.86
CA PRO B 45 -30.64 0.57 -5.20
C PRO B 45 -31.60 -0.18 -6.15
N ASN B 46 -31.59 0.16 -7.44
CA ASN B 46 -32.34 -0.58 -8.45
C ASN B 46 -31.60 -1.83 -8.94
N GLY B 47 -30.39 -2.03 -8.43
CA GLY B 47 -29.59 -3.23 -8.72
C GLY B 47 -28.62 -3.04 -9.86
N ASP B 48 -28.43 -1.80 -10.28
CA ASP B 48 -27.49 -1.48 -11.35
C ASP B 48 -26.08 -1.39 -10.83
N ILE B 49 -25.10 -1.66 -11.70
CA ILE B 49 -23.71 -1.43 -11.36
C ILE B 49 -23.36 0.00 -11.77
N ALA B 50 -23.04 0.81 -10.76
CA ALA B 50 -22.93 2.26 -10.91
C ALA B 50 -21.67 2.76 -11.60
N ASN B 51 -20.57 2.03 -11.48
CA ASN B 51 -19.27 2.51 -11.97
C ASN B 51 -18.58 1.64 -13.00
N GLN B 52 -17.57 2.21 -13.66
CA GLN B 52 -16.72 1.48 -14.58
C GLN B 52 -15.29 1.52 -14.08
N LEU B 53 -14.51 0.51 -14.43
CA LEU B 53 -13.10 0.46 -14.09
C LEU B 53 -12.26 0.17 -15.33
N ASN B 54 -11.11 0.82 -15.42
CA ASN B 54 -10.12 0.44 -16.43
C ASN B 54 -9.33 -0.76 -15.92
N ASP B 55 -9.92 -1.94 -16.09
CA ASP B 55 -9.41 -3.16 -15.48
C ASP B 55 -8.97 -4.21 -16.50
N ALA B 56 -9.27 -3.97 -17.77
CA ALA B 56 -8.96 -4.91 -18.86
C ALA B 56 -7.47 -5.29 -18.91
N ALA B 57 -6.61 -4.33 -18.59
CA ALA B 57 -5.17 -4.57 -18.50
C ALA B 57 -4.82 -5.40 -17.26
N ALA B 58 -5.52 -5.15 -16.16
CA ALA B 58 -5.30 -5.90 -14.92
C ALA B 58 -5.77 -7.34 -15.05
N ILE B 59 -7.01 -7.52 -15.50
CA ILE B 59 -7.61 -8.85 -15.78
C ILE B 59 -6.71 -9.75 -16.63
N GLU B 60 -6.16 -9.18 -17.69
CA GLU B 60 -5.29 -9.90 -18.61
C GLU B 60 -3.95 -10.29 -17.98
N THR B 61 -3.36 -9.38 -17.20
CA THR B 61 -2.06 -9.60 -16.54
C THR B 61 -2.13 -10.69 -15.47
N THR B 62 -3.26 -10.76 -14.77
CA THR B 62 -3.43 -11.80 -13.74
CA THR B 62 -3.48 -11.79 -13.74
C THR B 62 -3.80 -13.15 -14.34
N TRP B 63 -4.58 -13.17 -15.43
CA TRP B 63 -4.86 -14.40 -16.19
C TRP B 63 -3.56 -15.00 -16.74
N GLN B 64 -2.62 -14.12 -17.09
CA GLN B 64 -1.31 -14.48 -17.65
C GLN B 64 -0.44 -15.26 -16.67
N ARG B 65 -0.58 -14.97 -15.38
CA ARG B 65 0.20 -15.63 -14.34
C ARG B 65 -0.48 -16.89 -13.77
N ARG B 66 -1.47 -17.39 -14.51
CA ARG B 66 -2.32 -18.54 -14.13
C ARG B 66 -3.05 -18.36 -12.79
N VAL B 67 -3.60 -17.17 -12.59
CA VAL B 67 -4.41 -16.87 -11.41
C VAL B 67 -5.75 -16.23 -11.82
N THR B 68 -6.82 -16.63 -11.13
CA THR B 68 -8.18 -16.22 -11.45
C THR B 68 -8.48 -14.79 -10.98
N PRO B 69 -8.83 -13.88 -11.93
CA PRO B 69 -9.30 -12.56 -11.53
C PRO B 69 -10.76 -12.57 -11.13
N LEU B 70 -11.07 -11.86 -10.05
CA LEU B 70 -12.43 -11.77 -9.56
C LEU B 70 -12.84 -10.31 -9.45
N ALA B 71 -14.10 -10.06 -9.71
CA ALA B 71 -14.68 -8.73 -9.62
C ALA B 71 -15.29 -8.58 -8.26
N THR B 72 -14.86 -7.56 -7.52
CA THR B 72 -15.41 -7.28 -6.20
C THR B 72 -16.62 -6.38 -6.35
N ILE B 73 -17.74 -6.80 -5.75
CA ILE B 73 -19.00 -6.08 -5.83
C ILE B 73 -19.35 -5.61 -4.42
N THR B 74 -19.46 -4.29 -4.24
CA THR B 74 -19.68 -3.69 -2.91
C THR B 74 -20.97 -2.87 -2.82
N ASN B 75 -21.38 -2.58 -1.58
CA ASN B 75 -22.45 -1.61 -1.32
C ASN B 75 -21.86 -0.30 -0.81
N LEU B 76 -20.85 0.18 -1.52
CA LEU B 76 -20.07 1.33 -1.11
C LEU B 76 -20.65 2.63 -1.66
N THR B 77 -20.58 3.70 -0.86
CA THR B 77 -21.03 5.02 -1.27
C THR B 77 -19.97 6.09 -1.02
N SER B 78 -20.43 7.34 -0.89
CA SER B 78 -19.57 8.49 -0.62
C SER B 78 -18.99 8.43 0.80
N GLY B 79 -19.80 7.99 1.75
CA GLY B 79 -19.38 7.91 3.16
C GLY B 79 -19.36 6.51 3.73
N GLY B 80 -18.80 5.56 2.96
CA GLY B 80 -18.65 4.18 3.43
C GLY B 80 -19.73 3.23 2.94
N PHE B 81 -19.87 2.10 3.64
CA PHE B 81 -20.82 1.06 3.28
C PHE B 81 -22.24 1.44 3.68
N SER B 82 -23.16 1.30 2.72
CA SER B 82 -24.55 1.68 2.92
C SER B 82 -25.43 0.48 3.29
N THR B 83 -25.98 0.53 4.50
CA THR B 83 -26.99 -0.43 4.95
C THR B 83 -28.25 -0.28 4.09
N GLU B 84 -28.61 0.98 3.84
CA GLU B 84 -29.81 1.35 3.09
CA GLU B 84 -29.82 1.33 3.10
C GLU B 84 -29.87 0.75 1.69
N ILE B 85 -28.74 0.83 0.97
CA ILE B 85 -28.68 0.36 -0.42
C ILE B 85 -28.94 -1.14 -0.56
N VAL B 86 -28.28 -1.97 0.25
CA VAL B 86 -28.56 -3.42 0.28
C VAL B 86 -29.93 -3.74 0.86
N HIS B 87 -30.41 -2.90 1.78
CA HIS B 87 -31.76 -3.05 2.35
C HIS B 87 -32.85 -2.86 1.29
N GLN B 88 -32.55 -2.08 0.26
CA GLN B 88 -33.51 -1.82 -0.82
C GLN B 88 -33.36 -2.77 -2.02
N VAL B 89 -32.15 -3.27 -2.26
CA VAL B 89 -31.89 -4.24 -3.32
C VAL B 89 -32.48 -5.62 -2.95
N LEU B 90 -32.21 -6.07 -1.73
CA LEU B 90 -32.65 -7.39 -1.27
C LEU B 90 -34.17 -7.50 -1.08
N ASN B 91 -34.78 -6.46 -0.51
CA ASN B 91 -36.22 -6.44 -0.26
C ASN B 91 -37.10 -6.38 -1.52
N ASN B 92 -36.58 -5.74 -2.56
CA ASN B 92 -37.28 -5.67 -3.84
C ASN B 92 -36.76 -6.71 -4.85
N PRO B 93 -37.59 -7.73 -5.16
CA PRO B 93 -37.23 -8.89 -5.98
C PRO B 93 -36.75 -8.59 -7.40
N THR B 94 -37.26 -7.52 -8.01
CA THR B 94 -36.89 -7.15 -9.37
CA THR B 94 -36.90 -7.13 -9.37
C THR B 94 -35.49 -6.55 -9.42
N ALA B 95 -35.13 -5.79 -8.38
CA ALA B 95 -33.81 -5.18 -8.26
C ALA B 95 -32.71 -6.21 -8.02
N ARG B 96 -33.00 -7.22 -7.20
CA ARG B 96 -32.03 -8.25 -6.87
C ARG B 96 -31.79 -9.22 -8.03
N THR B 97 -32.79 -9.40 -8.88
CA THR B 97 -32.66 -10.21 -10.09
C THR B 97 -31.86 -9.42 -11.13
N ASN B 98 -32.10 -8.10 -11.16
CA ASN B 98 -31.33 -7.19 -12.00
C ASN B 98 -29.84 -7.17 -11.64
N LEU B 99 -29.55 -7.20 -10.34
CA LEU B 99 -28.16 -7.27 -9.84
C LEU B 99 -27.46 -8.54 -10.29
N VAL B 100 -28.09 -9.69 -10.07
CA VAL B 100 -27.59 -11.00 -10.52
C VAL B 100 -27.27 -10.97 -12.03
N ASN B 101 -28.16 -10.35 -12.80
CA ASN B 101 -28.00 -10.20 -14.24
C ASN B 101 -26.76 -9.40 -14.66
N ASN B 102 -26.64 -8.16 -14.20
CA ASN B 102 -25.48 -7.35 -14.58
C ASN B 102 -24.17 -7.72 -13.88
N ILE B 103 -24.22 -8.52 -12.81
CA ILE B 103 -23.02 -9.16 -12.27
C ILE B 103 -22.49 -10.17 -13.29
N TYR B 104 -23.37 -11.06 -13.78
CA TYR B 104 -23.00 -12.04 -14.80
C TYR B 104 -22.47 -11.40 -16.08
N ASP B 105 -23.14 -10.35 -16.54
CA ASP B 105 -22.75 -9.62 -17.75
C ASP B 105 -21.38 -8.99 -17.59
N LEU B 106 -21.13 -8.40 -16.42
CA LEU B 106 -19.83 -7.84 -16.07
C LEU B 106 -18.72 -8.90 -16.14
N VAL B 107 -18.97 -10.04 -15.50
CA VAL B 107 -18.00 -11.14 -15.45
C VAL B 107 -17.71 -11.69 -16.86
N SER B 108 -18.76 -11.93 -17.64
CA SER B 108 -18.63 -12.49 -19.00
C SER B 108 -17.97 -11.56 -20.02
N THR B 109 -18.34 -10.28 -20.01
CA THR B 109 -17.80 -9.32 -21.01
C THR B 109 -16.38 -8.86 -20.72
N ARG B 110 -16.06 -8.61 -19.46
CA ARG B 110 -14.72 -8.14 -19.09
C ARG B 110 -13.69 -9.28 -19.08
N GLY B 111 -14.17 -10.51 -18.86
CA GLY B 111 -13.31 -11.68 -18.85
C GLY B 111 -12.84 -12.09 -17.46
N TYR B 112 -13.69 -11.83 -16.46
CA TYR B 112 -13.43 -12.27 -15.10
C TYR B 112 -13.67 -13.77 -14.97
N GLY B 113 -13.01 -14.40 -14.01
CA GLY B 113 -13.20 -15.82 -13.72
C GLY B 113 -14.26 -16.07 -12.68
N GLY B 114 -14.90 -15.01 -12.22
CA GLY B 114 -15.91 -15.09 -11.17
C GLY B 114 -16.01 -13.81 -10.35
N VAL B 115 -16.63 -13.91 -9.18
CA VAL B 115 -17.00 -12.73 -8.39
C VAL B 115 -16.67 -12.78 -6.87
N THR B 116 -16.43 -11.62 -6.25
CA THR B 116 -16.35 -11.49 -4.80
C THR B 116 -17.40 -10.52 -4.26
N ILE B 117 -18.40 -11.04 -3.58
CA ILE B 117 -19.40 -10.19 -2.93
C ILE B 117 -18.83 -9.63 -1.63
N ASP B 118 -18.73 -8.30 -1.55
CA ASP B 118 -18.30 -7.64 -0.33
C ASP B 118 -19.43 -6.70 0.10
N PHE B 119 -20.48 -7.29 0.64
CA PHE B 119 -21.61 -6.51 1.12
C PHE B 119 -21.49 -6.38 2.63
N GLU B 120 -21.24 -5.15 3.08
CA GLU B 120 -21.05 -4.89 4.50
C GLU B 120 -22.19 -4.10 5.11
N GLN B 121 -22.24 -4.11 6.45
CA GLN B 121 -23.35 -3.55 7.24
CA GLN B 121 -23.35 -3.55 7.24
C GLN B 121 -24.73 -4.02 6.74
N VAL B 122 -24.81 -5.32 6.43
CA VAL B 122 -26.06 -5.95 6.01
C VAL B 122 -26.92 -6.11 7.25
N SER B 123 -28.16 -5.59 7.19
CA SER B 123 -29.06 -5.56 8.34
C SER B 123 -29.52 -6.94 8.80
N ALA B 124 -29.85 -7.05 10.08
CA ALA B 124 -30.24 -8.31 10.72
C ALA B 124 -31.54 -8.91 10.14
N ALA B 125 -32.46 -8.04 9.72
CA ALA B 125 -33.74 -8.44 9.17
C ALA B 125 -33.63 -9.05 7.76
N ASP B 126 -32.55 -8.71 7.06
CA ASP B 126 -32.32 -9.18 5.69
C ASP B 126 -31.41 -10.42 5.62
N ARG B 127 -31.32 -11.15 6.73
CA ARG B 127 -30.46 -12.35 6.84
C ARG B 127 -30.73 -13.38 5.75
N ASP B 128 -31.93 -13.96 5.76
CA ASP B 128 -32.29 -15.04 4.82
C ASP B 128 -32.50 -14.56 3.39
N LEU B 129 -32.81 -13.27 3.24
CA LEU B 129 -32.99 -12.68 1.92
C LEU B 129 -31.65 -12.48 1.21
N PHE B 130 -30.60 -12.25 2.00
CA PHE B 130 -29.23 -12.17 1.50
C PHE B 130 -28.75 -13.54 1.04
N THR B 131 -29.10 -14.57 1.82
CA THR B 131 -28.78 -15.96 1.48
C THR B 131 -29.44 -16.36 0.15
N GLY B 132 -30.71 -15.98 -0.02
CA GLY B 132 -31.46 -16.24 -1.25
C GLY B 132 -30.91 -15.54 -2.49
N PHE B 133 -30.43 -14.31 -2.31
CA PHE B 133 -29.81 -13.55 -3.41
C PHE B 133 -28.53 -14.22 -3.90
N LEU B 134 -27.74 -14.71 -2.95
CA LEU B 134 -26.51 -15.43 -3.27
C LEU B 134 -26.82 -16.77 -3.91
N ARG B 135 -27.88 -17.41 -3.44
CA ARG B 135 -28.33 -18.62 -4.07
C ARG B 135 -28.71 -18.38 -5.49
N GLN B 136 -29.50 -17.35 -5.73
CA GLN B 136 -29.91 -16.95 -7.08
C GLN B 136 -28.74 -16.55 -7.99
N LEU B 137 -27.62 -16.18 -7.39
CA LEU B 137 -26.45 -15.76 -8.15
C LEU B 137 -25.48 -16.87 -8.43
N ARG B 138 -25.49 -17.91 -7.60
CA ARG B 138 -24.62 -19.07 -7.79
C ARG B 138 -25.09 -19.92 -8.94
N ASP B 139 -26.40 -20.05 -9.04
CA ASP B 139 -27.10 -20.56 -10.19
C ASP B 139 -26.63 -19.90 -11.45
N ARG B 140 -26.90 -18.62 -11.59
CA ARG B 140 -26.52 -17.92 -12.81
CA ARG B 140 -26.54 -17.91 -12.83
C ARG B 140 -25.06 -17.93 -13.12
N LEU B 141 -24.20 -17.85 -12.12
CA LEU B 141 -22.74 -17.84 -12.32
C LEU B 141 -22.12 -19.18 -12.75
N GLN B 142 -22.48 -20.28 -12.10
CA GLN B 142 -21.86 -21.58 -12.42
C GLN B 142 -22.35 -22.20 -13.73
N ALA B 143 -23.52 -21.75 -14.20
CA ALA B 143 -24.03 -22.12 -15.52
C ALA B 143 -23.13 -21.59 -16.64
N GLY B 144 -22.51 -20.43 -16.39
CA GLY B 144 -21.48 -19.89 -17.26
C GLY B 144 -20.07 -20.34 -16.86
N GLY B 145 -19.98 -21.05 -15.73
CA GLY B 145 -18.71 -21.58 -15.23
C GLY B 145 -17.91 -20.56 -14.45
N TYR B 146 -18.59 -19.73 -13.67
CA TYR B 146 -17.96 -18.65 -12.91
C TYR B 146 -18.05 -18.85 -11.39
N VAL B 147 -16.95 -18.52 -10.71
CA VAL B 147 -16.79 -18.71 -9.26
C VAL B 147 -17.57 -17.65 -8.47
N LEU B 148 -18.22 -18.09 -7.40
CA LEU B 148 -18.81 -17.18 -6.44
C LEU B 148 -18.02 -17.24 -5.12
N THR B 149 -17.43 -16.10 -4.75
CA THR B 149 -16.80 -15.94 -3.44
C THR B 149 -17.47 -14.79 -2.69
N ILE B 150 -17.29 -14.78 -1.37
CA ILE B 150 -17.86 -13.73 -0.54
C ILE B 150 -16.87 -13.35 0.57
N ALA B 151 -16.82 -12.06 0.89
CA ALA B 151 -16.08 -11.56 2.05
C ALA B 151 -17.08 -11.29 3.17
N VAL B 152 -16.89 -11.99 4.28
CA VAL B 152 -17.77 -11.87 5.45
C VAL B 152 -16.97 -11.36 6.65
N PRO B 153 -17.61 -10.57 7.54
CA PRO B 153 -16.95 -10.25 8.80
C PRO B 153 -16.91 -11.48 9.71
N ALA B 154 -15.87 -11.56 10.52
CA ALA B 154 -15.65 -12.72 11.39
C ALA B 154 -16.66 -12.85 12.53
N LYS B 155 -17.22 -14.05 12.66
CA LYS B 155 -18.14 -14.39 13.74
C LYS B 155 -17.58 -15.54 14.55
N THR B 156 -17.79 -15.46 15.87
CA THR B 156 -17.41 -16.52 16.81
C THR B 156 -18.68 -17.19 17.38
N SER B 157 -19.81 -16.53 17.16
CA SER B 157 -21.14 -17.03 17.51
C SER B 157 -22.18 -16.43 16.55
N ASP B 158 -23.46 -16.66 16.84
CA ASP B 158 -24.54 -16.08 16.04
C ASP B 158 -25.39 -15.12 16.89
N ASN B 159 -24.80 -14.66 18.01
CA ASN B 159 -25.56 -13.96 19.04
C ASN B 159 -25.60 -12.43 18.93
N ILE B 160 -24.46 -11.79 18.69
CA ILE B 160 -24.40 -10.33 18.59
C ILE B 160 -25.09 -9.80 17.32
N PRO B 161 -26.11 -8.93 17.51
CA PRO B 161 -27.15 -8.68 16.51
C PRO B 161 -26.76 -7.82 15.30
N TRP B 162 -25.71 -7.01 15.43
CA TRP B 162 -25.33 -6.11 14.33
C TRP B 162 -24.67 -6.82 13.15
N LEU B 163 -24.17 -8.03 13.38
CA LEU B 163 -23.66 -8.87 12.29
C LEU B 163 -24.34 -10.24 12.22
N ARG B 164 -25.63 -10.30 12.52
CA ARG B 164 -26.37 -11.56 12.42
C ARG B 164 -27.13 -11.69 11.10
N GLY B 165 -26.96 -10.72 10.22
CA GLY B 165 -27.47 -10.79 8.85
C GLY B 165 -26.63 -11.72 7.97
N TYR B 166 -25.57 -12.27 8.53
CA TYR B 166 -24.66 -13.19 7.84
C TYR B 166 -24.86 -14.61 8.37
N ASP B 167 -25.70 -15.37 7.69
CA ASP B 167 -25.93 -16.77 8.02
C ASP B 167 -24.79 -17.60 7.45
N TYR B 168 -23.81 -17.90 8.29
CA TYR B 168 -22.62 -18.66 7.91
C TYR B 168 -22.92 -20.02 7.28
N GLY B 169 -23.90 -20.73 7.86
CA GLY B 169 -24.35 -22.02 7.34
C GLY B 169 -24.98 -21.94 5.95
N GLY B 170 -25.90 -21.00 5.78
CA GLY B 170 -26.60 -20.81 4.51
C GLY B 170 -25.73 -20.27 3.39
N ILE B 171 -24.88 -19.30 3.74
CA ILE B 171 -23.90 -18.72 2.81
C ILE B 171 -22.89 -19.79 2.34
N GLY B 172 -22.44 -20.61 3.28
CA GLY B 172 -21.45 -21.67 3.02
C GLY B 172 -21.91 -22.74 2.05
N ALA B 173 -23.21 -23.05 2.09
CA ALA B 173 -23.79 -24.05 1.19
C ALA B 173 -23.93 -23.54 -0.25
N VAL B 174 -24.08 -22.23 -0.40
CA VAL B 174 -24.26 -21.65 -1.74
CA VAL B 174 -24.27 -21.60 -1.71
C VAL B 174 -22.96 -21.19 -2.41
N VAL B 175 -22.12 -20.41 -1.71
CA VAL B 175 -20.89 -19.89 -2.33
C VAL B 175 -19.85 -20.99 -2.56
N ASN B 176 -18.94 -20.75 -3.48
CA ASN B 176 -17.81 -21.62 -3.68
C ASN B 176 -16.72 -21.49 -2.62
N TYR B 177 -16.47 -20.27 -2.19
CA TYR B 177 -15.45 -19.96 -1.17
C TYR B 177 -15.90 -18.81 -0.28
N MET B 178 -15.58 -18.90 1.00
CA MET B 178 -15.86 -17.85 1.98
C MET B 178 -14.55 -17.21 2.44
N PHE B 179 -14.46 -15.89 2.26
CA PHE B 179 -13.30 -15.12 2.75
C PHE B 179 -13.71 -14.52 4.09
N ILE B 180 -13.13 -15.02 5.16
CA ILE B 180 -13.47 -14.50 6.49
C ILE B 180 -12.48 -13.41 6.89
N MET B 181 -13.00 -12.20 7.07
CA MET B 181 -12.20 -11.02 7.41
C MET B 181 -11.90 -11.05 8.89
N ALA B 182 -10.93 -11.87 9.25
CA ALA B 182 -10.59 -12.15 10.64
C ALA B 182 -9.62 -11.13 11.22
N TYR B 183 -10.08 -9.89 11.30
CA TYR B 183 -9.30 -8.78 11.85
C TYR B 183 -10.23 -7.68 12.37
N ASP B 184 -9.65 -6.62 12.94
CA ASP B 184 -10.37 -5.49 13.54
C ASP B 184 -11.24 -5.84 14.76
N TRP B 185 -10.73 -6.74 15.59
CA TRP B 185 -11.30 -6.97 16.92
C TRP B 185 -10.96 -5.77 17.78
N HIS B 186 -9.82 -5.15 17.47
CA HIS B 186 -9.51 -3.80 17.90
C HIS B 186 -9.19 -2.98 16.65
N HIS B 187 -9.78 -1.79 16.56
CA HIS B 187 -9.70 -0.94 15.37
C HIS B 187 -9.50 0.54 15.76
N ALA B 188 -9.72 1.45 14.80
CA ALA B 188 -9.53 2.89 15.00
C ALA B 188 -10.45 3.51 16.06
N GLY B 189 -11.70 3.03 16.11
CA GLY B 189 -12.68 3.55 17.05
C GLY B 189 -12.83 2.76 18.33
N SER B 190 -11.84 1.94 18.65
CA SER B 190 -11.90 1.07 19.82
C SER B 190 -10.71 1.30 20.75
N GLU B 191 -10.71 0.59 21.87
CA GLU B 191 -9.60 0.57 22.81
C GLU B 191 -8.38 -0.16 22.20
N PRO B 192 -7.16 0.16 22.66
CA PRO B 192 -5.96 -0.55 22.19
C PRO B 192 -5.98 -2.06 22.43
N GLY B 193 -5.49 -2.81 21.45
CA GLY B 193 -5.39 -4.26 21.54
C GLY B 193 -5.09 -4.92 20.20
N PRO B 194 -4.92 -6.25 20.20
CA PRO B 194 -4.55 -7.00 18.98
C PRO B 194 -5.59 -6.88 17.87
N VAL B 195 -5.11 -6.66 16.65
CA VAL B 195 -5.97 -6.54 15.48
CA VAL B 195 -6.00 -6.54 15.50
C VAL B 195 -6.65 -7.89 15.15
N ALA B 196 -5.88 -8.96 15.31
CA ALA B 196 -6.32 -10.31 14.96
C ALA B 196 -5.68 -11.33 15.89
N PRO B 197 -6.13 -11.39 17.16
CA PRO B 197 -5.50 -12.32 18.09
C PRO B 197 -5.83 -13.78 17.76
N ILE B 198 -4.86 -14.68 17.95
CA ILE B 198 -5.01 -16.11 17.62
C ILE B 198 -6.13 -16.80 18.42
N THR B 199 -6.53 -16.18 19.53
CA THR B 199 -7.58 -16.70 20.40
C THR B 199 -8.95 -16.52 19.74
N GLU B 200 -9.18 -15.34 19.18
CA GLU B 200 -10.42 -15.06 18.46
C GLU B 200 -10.43 -15.66 17.06
N ILE B 201 -9.24 -15.93 16.51
CA ILE B 201 -9.15 -16.62 15.21
C ILE B 201 -9.54 -18.10 15.37
N ARG B 202 -9.04 -18.75 16.42
CA ARG B 202 -9.41 -20.14 16.72
C ARG B 202 -10.91 -20.28 16.96
N ARG B 203 -11.48 -19.35 17.72
CA ARG B 203 -12.94 -19.30 17.97
C ARG B 203 -13.74 -19.08 16.69
N THR B 204 -13.22 -18.24 15.79
CA THR B 204 -13.87 -18.00 14.49
C THR B 204 -13.87 -19.27 13.67
N ILE B 205 -12.69 -19.90 13.56
CA ILE B 205 -12.51 -21.14 12.79
C ILE B 205 -13.45 -22.25 13.24
N GLU B 206 -13.47 -22.49 14.56
CA GLU B 206 -14.28 -23.55 15.15
C GLU B 206 -15.78 -23.32 14.99
N PHE B 207 -16.20 -22.06 15.05
CA PHE B 207 -17.57 -21.67 14.73
C PHE B 207 -17.88 -21.93 13.26
N THR B 208 -16.91 -21.60 12.40
CA THR B 208 -17.09 -21.70 10.95
C THR B 208 -17.09 -23.13 10.42
N ILE B 209 -16.09 -23.94 10.81
CA ILE B 209 -15.94 -25.32 10.29
C ILE B 209 -17.09 -26.27 10.64
N ALA B 210 -17.81 -25.95 11.72
CA ALA B 210 -18.96 -26.73 12.16
C ALA B 210 -20.15 -26.52 11.24
N GLN B 211 -20.16 -25.40 10.51
CA GLN B 211 -21.30 -25.02 9.68
C GLN B 211 -20.96 -24.96 8.20
N VAL B 212 -19.66 -24.84 7.91
CA VAL B 212 -19.18 -24.59 6.55
C VAL B 212 -18.13 -25.66 6.23
N PRO B 213 -18.13 -26.21 4.99
CA PRO B 213 -17.08 -27.12 4.53
C PRO B 213 -15.69 -26.45 4.59
N SER B 214 -14.73 -27.18 5.15
CA SER B 214 -13.40 -26.66 5.46
C SER B 214 -12.60 -26.14 4.27
N ARG B 215 -12.79 -26.77 3.11
CA ARG B 215 -12.08 -26.37 1.88
C ARG B 215 -12.63 -25.08 1.24
N LYS B 216 -13.73 -24.57 1.79
CA LYS B 216 -14.30 -23.31 1.32
C LYS B 216 -13.77 -22.12 2.10
N ILE B 217 -13.12 -22.39 3.24
CA ILE B 217 -12.73 -21.34 4.18
C ILE B 217 -11.34 -20.75 3.94
N ILE B 218 -11.32 -19.46 3.66
CA ILE B 218 -10.08 -18.69 3.53
C ILE B 218 -10.14 -17.69 4.66
N ILE B 219 -9.09 -17.60 5.47
CA ILE B 219 -9.08 -16.58 6.50
C ILE B 219 -8.21 -15.39 6.10
N GLY B 220 -8.87 -14.23 6.02
CA GLY B 220 -8.22 -12.99 5.66
C GLY B 220 -7.41 -12.48 6.83
N VAL B 221 -6.26 -11.89 6.52
CA VAL B 221 -5.40 -11.28 7.51
C VAL B 221 -5.57 -9.74 7.44
N PRO B 222 -5.19 -9.01 8.52
CA PRO B 222 -5.41 -7.56 8.47
C PRO B 222 -4.60 -6.79 7.43
N LEU B 223 -5.16 -5.66 6.97
CA LEU B 223 -4.40 -4.72 6.15
CA LEU B 223 -4.41 -4.72 6.15
C LEU B 223 -3.69 -3.70 7.04
N TYR B 224 -4.39 -3.24 8.08
CA TYR B 224 -3.79 -2.23 8.94
CA TYR B 224 -3.95 -2.16 8.99
C TYR B 224 -3.56 -2.66 10.39
N GLY B 225 -2.50 -2.09 10.94
CA GLY B 225 -2.22 -2.14 12.37
C GLY B 225 -2.68 -0.77 12.86
N TYR B 226 -2.71 -0.56 14.17
CA TYR B 226 -3.19 0.74 14.68
C TYR B 226 -2.28 1.35 15.75
N ASP B 227 -2.28 2.67 15.81
CA ASP B 227 -1.49 3.43 16.77
C ASP B 227 -2.44 4.26 17.64
N TRP B 228 -2.55 3.87 18.90
CA TRP B 228 -3.41 4.54 19.88
C TRP B 228 -2.57 5.38 20.85
N ILE B 229 -3.04 6.58 21.20
CA ILE B 229 -2.47 7.28 22.35
C ILE B 229 -3.10 6.76 23.64
N ILE B 230 -2.29 6.18 24.52
CA ILE B 230 -2.82 5.57 25.76
C ILE B 230 -3.08 6.61 26.87
N PRO B 231 -3.45 6.16 28.09
CA PRO B 231 -4.77 6.44 28.60
C PRO B 231 -5.77 6.80 27.48
N TYR B 232 -6.42 5.75 26.98
CA TYR B 232 -7.38 5.83 25.87
C TYR B 232 -8.60 6.66 26.22
N GLN B 233 -8.95 7.58 25.33
CA GLN B 233 -10.10 8.46 25.52
C GLN B 233 -11.13 8.20 24.43
N PRO B 234 -12.30 7.65 24.80
CA PRO B 234 -13.39 7.31 23.88
C PRO B 234 -13.92 8.52 23.13
N GLY B 235 -13.92 8.44 21.80
CA GLY B 235 -14.33 9.54 20.94
C GLY B 235 -13.28 9.89 19.91
N THR B 236 -12.01 9.70 20.28
CA THR B 236 -10.88 9.93 19.37
C THR B 236 -10.65 8.71 18.46
N VAL B 237 -9.89 8.93 17.39
CA VAL B 237 -9.55 7.86 16.45
C VAL B 237 -8.05 7.54 16.45
N ALA B 238 -7.73 6.25 16.34
CA ALA B 238 -6.36 5.79 16.23
C ALA B 238 -5.81 6.02 14.83
N SER B 239 -4.49 6.02 14.69
CA SER B 239 -3.86 6.11 13.37
C SER B 239 -3.77 4.72 12.74
N ALA B 240 -4.43 4.55 11.59
CA ALA B 240 -4.38 3.31 10.84
C ALA B 240 -3.11 3.27 10.01
N ILE B 241 -2.17 2.41 10.43
CA ILE B 241 -0.88 2.30 9.77
C ILE B 241 -0.64 0.90 9.21
N SER B 242 0.21 0.79 8.19
CA SER B 242 0.57 -0.53 7.66
C SER B 242 1.49 -1.24 8.66
N ASN B 243 1.67 -2.54 8.47
CA ASN B 243 2.57 -3.32 9.33
C ASN B 243 4.02 -2.93 9.19
N GLN B 244 4.41 -2.50 7.98
CA GLN B 244 5.75 -1.93 7.77
C GLN B 244 5.86 -0.56 8.42
N ASN B 245 4.81 0.26 8.31
CA ASN B 245 4.75 1.55 9.02
C ASN B 245 4.93 1.44 10.53
N ALA B 246 4.44 0.34 11.11
CA ALA B 246 4.62 0.06 12.54
C ALA B 246 6.07 -0.24 12.88
N ILE B 247 6.72 -1.05 12.04
CA ILE B 247 8.15 -1.31 12.16
C ILE B 247 8.95 0.00 12.09
N GLU B 248 8.64 0.81 11.08
CA GLU B 248 9.32 2.08 10.80
C GLU B 248 9.16 3.07 11.95
N ARG B 249 7.97 3.09 12.54
CA ARG B 249 7.66 3.91 13.70
C ARG B 249 8.47 3.46 14.93
N ALA B 250 8.71 2.16 15.04
CA ALA B 250 9.50 1.61 16.15
C ALA B 250 11.00 1.87 16.04
N MET B 251 11.51 2.05 14.82
CA MET B 251 12.92 2.39 14.63
C MET B 251 13.18 3.85 14.99
N ARG B 252 12.23 4.70 14.59
CA ARG B 252 12.25 6.13 14.83
C ARG B 252 12.30 6.47 16.32
N TYR B 253 11.48 5.77 17.12
CA TYR B 253 11.39 6.03 18.54
C TYR B 253 12.17 5.03 19.37
N GLN B 254 13.02 4.25 18.68
CA GLN B 254 13.86 3.19 19.27
CA GLN B 254 13.88 3.24 19.32
C GLN B 254 13.13 2.34 20.31
N ALA B 255 11.88 2.00 19.98
CA ALA B 255 11.02 1.20 20.84
C ALA B 255 11.24 -0.29 20.56
N PRO B 256 11.46 -1.09 21.62
CA PRO B 256 11.59 -2.54 21.42
C PRO B 256 10.26 -3.19 21.05
N ILE B 257 10.30 -4.10 20.07
CA ILE B 257 9.10 -4.83 19.67
C ILE B 257 8.90 -6.03 20.60
N GLN B 258 7.77 -6.02 21.31
CA GLN B 258 7.42 -7.14 22.19
C GLN B 258 6.29 -7.99 21.58
N TYR B 259 6.24 -9.26 21.99
CA TYR B 259 5.32 -10.22 21.41
C TYR B 259 4.47 -10.86 22.50
N SER B 260 3.15 -10.70 22.39
CA SER B 260 2.21 -11.36 23.28
C SER B 260 2.08 -12.83 22.92
N ALA B 261 2.35 -13.71 23.88
CA ALA B 261 2.28 -15.16 23.63
C ALA B 261 0.85 -15.67 23.57
N GLU B 262 -0.05 -15.00 24.30
CA GLU B 262 -1.46 -15.41 24.37
C GLU B 262 -2.21 -15.03 23.10
N TYR B 263 -1.92 -13.85 22.57
CA TYR B 263 -2.61 -13.34 21.39
C TYR B 263 -1.84 -13.67 20.12
N GLN B 264 -0.61 -14.15 20.27
CA GLN B 264 0.35 -14.36 19.18
C GLN B 264 0.41 -13.15 18.24
N SER B 265 0.66 -11.98 18.82
CA SER B 265 0.58 -10.68 18.15
C SER B 265 1.64 -9.73 18.70
N PRO B 266 2.44 -9.10 17.82
CA PRO B 266 3.47 -8.17 18.29
C PRO B 266 2.87 -6.82 18.67
N PHE B 267 3.58 -6.09 19.52
CA PHE B 267 3.19 -4.75 19.93
C PHE B 267 4.39 -3.96 20.44
N PHE B 268 4.22 -2.65 20.59
CA PHE B 268 5.24 -1.81 21.25
C PHE B 268 4.62 -0.54 21.81
N ARG B 269 5.38 0.12 22.69
CA ARG B 269 4.99 1.41 23.24
C ARG B 269 6.13 2.40 23.15
N TYR B 270 5.79 3.68 22.99
CA TYR B 270 6.78 4.75 22.95
C TYR B 270 6.21 6.08 23.45
N SER B 271 7.11 7.03 23.69
CA SER B 271 6.76 8.42 23.95
C SER B 271 7.09 9.24 22.70
N ASP B 272 6.17 10.10 22.28
CA ASP B 272 6.43 10.99 21.14
C ASP B 272 7.13 12.29 21.58
N GLN B 273 7.21 13.25 20.66
CA GLN B 273 7.84 14.54 20.93
C GLN B 273 6.98 15.44 21.82
N GLN B 274 5.67 15.25 21.78
CA GLN B 274 4.71 16.05 22.56
C GLN B 274 4.45 15.48 23.96
N GLY B 275 5.24 14.47 24.35
CA GLY B 275 5.10 13.84 25.67
C GLY B 275 4.01 12.79 25.83
N ARG B 276 3.19 12.60 24.80
CA ARG B 276 2.15 11.57 24.80
C ARG B 276 2.73 10.17 24.68
N THR B 277 2.08 9.22 25.36
CA THR B 277 2.47 7.83 25.27
CA THR B 277 2.45 7.81 25.29
C THR B 277 1.58 7.09 24.26
N HIS B 278 2.21 6.25 23.43
CA HIS B 278 1.52 5.53 22.37
C HIS B 278 1.56 4.01 22.57
N GLU B 279 0.49 3.33 22.19
CA GLU B 279 0.48 1.87 22.12
C GLU B 279 0.13 1.39 20.71
N VAL B 280 1.01 0.60 20.12
CA VAL B 280 0.85 0.16 18.73
C VAL B 280 0.70 -1.36 18.63
N TRP B 281 -0.41 -1.82 18.04
CA TRP B 281 -0.58 -3.24 17.72
C TRP B 281 -0.58 -3.46 16.21
N PHE B 282 0.04 -4.55 15.78
CA PHE B 282 0.20 -4.84 14.35
C PHE B 282 0.44 -6.34 14.14
N GLU B 283 0.94 -6.69 12.96
CA GLU B 283 1.22 -8.06 12.61
C GLU B 283 2.63 -8.12 12.04
N GLY B 284 3.42 -9.10 12.46
CA GLY B 284 4.78 -9.28 11.96
C GLY B 284 4.93 -10.65 11.32
N VAL B 285 6.18 -11.11 11.14
CA VAL B 285 6.45 -12.39 10.49
C VAL B 285 6.01 -13.59 11.34
N ARG B 286 6.22 -13.50 12.65
CA ARG B 286 5.92 -14.56 13.61
C ARG B 286 4.41 -14.73 13.78
N SER B 287 3.69 -13.63 13.89
CA SER B 287 2.23 -13.64 14.01
C SER B 287 1.56 -14.10 12.72
N MET B 288 2.16 -13.76 11.58
CA MET B 288 1.65 -14.16 10.27
C MET B 288 1.83 -15.67 10.05
N SER B 289 2.99 -16.19 10.45
CA SER B 289 3.27 -17.63 10.38
C SER B 289 2.32 -18.45 11.25
N ARG B 290 1.95 -17.90 12.41
CA ARG B 290 1.00 -18.55 13.31
CA ARG B 290 1.00 -18.53 13.33
C ARG B 290 -0.39 -18.64 12.70
N LYS B 291 -0.74 -17.66 11.87
CA LYS B 291 -2.01 -17.67 11.14
C LYS B 291 -2.04 -18.74 10.05
N MET B 292 -0.95 -18.89 9.29
CA MET B 292 -0.85 -20.00 8.33
C MET B 292 -0.83 -21.36 9.04
N GLN B 293 -0.22 -21.43 10.22
CA GLN B 293 -0.19 -22.66 11.03
C GLN B 293 -1.58 -23.12 11.48
N ILE B 294 -2.43 -22.17 11.88
CA ILE B 294 -3.79 -22.51 12.29
C ILE B 294 -4.67 -22.88 11.08
N VAL B 295 -4.36 -22.32 9.91
CA VAL B 295 -5.02 -22.68 8.66
C VAL B 295 -4.70 -24.14 8.34
N ARG B 296 -3.43 -24.51 8.48
CA ARG B 296 -2.97 -25.86 8.22
C ARG B 296 -3.44 -26.87 9.26
N GLU B 297 -3.59 -26.43 10.51
CA GLU B 297 -4.06 -27.27 11.61
C GLU B 297 -5.50 -27.75 11.38
N TYR B 298 -6.34 -26.84 10.93
CA TYR B 298 -7.76 -27.12 10.71
C TYR B 298 -8.06 -27.48 9.24
N ARG B 299 -7.00 -27.76 8.48
CA ARG B 299 -7.06 -28.11 7.05
C ARG B 299 -7.98 -27.19 6.23
N LEU B 300 -7.80 -25.88 6.41
CA LEU B 300 -8.57 -24.88 5.66
C LEU B 300 -7.89 -24.61 4.32
N GLN B 301 -8.59 -23.86 3.45
CA GLN B 301 -8.16 -23.67 2.07
C GLN B 301 -6.89 -22.82 1.95
N ALA B 302 -6.86 -21.70 2.69
CA ALA B 302 -5.90 -20.64 2.43
C ALA B 302 -5.91 -19.49 3.42
N ILE B 303 -4.85 -18.69 3.34
CA ILE B 303 -4.78 -17.36 3.93
C ILE B 303 -5.16 -16.36 2.82
N GLY B 304 -5.95 -15.35 3.15
CA GLY B 304 -6.19 -14.26 2.21
C GLY B 304 -5.50 -12.99 2.68
N ALA B 305 -4.85 -12.28 1.75
CA ALA B 305 -4.14 -11.04 2.11
C ALA B 305 -4.33 -9.93 1.09
N TRP B 306 -3.60 -8.85 1.27
CA TRP B 306 -3.82 -7.65 0.48
C TRP B 306 -2.62 -7.27 -0.37
N GLN B 307 -2.92 -6.83 -1.59
CA GLN B 307 -1.96 -6.30 -2.53
C GLN B 307 -2.35 -4.87 -2.85
N LEU B 308 -1.35 -4.03 -3.06
CA LEU B 308 -1.57 -2.66 -3.50
C LEU B 308 -0.81 -2.41 -4.80
N THR B 309 -1.55 -2.12 -5.86
CA THR B 309 -0.97 -1.86 -7.18
C THR B 309 -1.26 -0.42 -7.62
N LEU B 310 -0.27 0.45 -7.51
CA LEU B 310 -0.44 1.84 -7.93
C LEU B 310 0.00 2.07 -9.38
N ALA B 311 -0.95 2.52 -10.20
CA ALA B 311 -0.72 2.79 -11.62
C ALA B 311 -1.62 3.92 -12.12
C1 GOL C . 11.43 17.70 6.61
O1 GOL C . 10.88 16.55 7.21
C2 GOL C . 11.86 18.67 7.71
O2 GOL C . 12.74 17.99 8.58
C3 GOL C . 10.65 19.17 8.49
O3 GOL C . 9.80 19.96 7.67
C1 GOL D . 5.88 6.69 -7.63
O1 GOL D . 5.34 5.54 -7.04
C2 GOL D . 7.40 6.62 -7.55
O2 GOL D . 7.92 6.55 -8.85
C3 GOL D . 7.92 7.86 -6.83
O3 GOL D . 9.22 8.16 -7.29
C1 GOL E . 6.49 -6.83 8.33
O1 GOL E . 5.64 -7.80 7.74
C2 GOL E . 7.64 -6.55 7.38
O2 GOL E . 8.77 -7.28 7.81
C3 GOL E . 7.97 -5.07 7.41
O3 GOL E . 9.09 -4.80 6.60
C1 GOL F . -2.41 11.98 4.12
O1 GOL F . -2.74 11.39 2.88
C2 GOL F . -2.75 11.00 5.24
O2 GOL F . -3.57 11.65 6.20
C3 GOL F . -1.46 10.54 5.91
O3 GOL F . -1.72 9.43 6.75
C1 GOL G . 1.30 -15.69 -4.89
O1 GOL G . 1.03 -16.99 -4.43
C2 GOL G . 0.75 -15.49 -6.29
O2 GOL G . 1.22 -16.52 -7.13
C3 GOL G . -0.78 -15.49 -6.25
O3 GOL G . -1.26 -14.17 -6.24
C1 GOL H . -11.83 -1.73 2.27
O1 GOL H . -10.49 -2.07 2.56
C2 GOL H . -12.68 -2.99 2.15
O2 GOL H . -11.89 -4.13 1.90
C3 GOL H . -13.46 -3.18 3.44
O3 GOL H . -13.71 -4.56 3.65
C1 GOL I . -14.36 -9.16 13.26
O1 GOL I . -14.90 -9.23 11.97
C2 GOL I . -14.88 -7.93 14.00
O2 GOL I . -15.21 -6.91 13.09
C3 GOL I . -16.09 -8.30 14.84
O3 GOL I . -15.78 -8.09 16.21
C1 GOL J . -10.12 -20.17 -3.92
O1 GOL J . -9.32 -21.19 -4.47
C2 GOL J . -9.98 -18.92 -4.78
O2 GOL J . -8.63 -18.80 -5.17
C3 GOL J . -10.87 -19.04 -6.02
O3 GOL J . -10.16 -19.66 -7.08
#